data_5UFG
#
_entry.id   5UFG
#
_cell.length_a   77.120
_cell.length_b   77.120
_cell.length_c   202.201
_cell.angle_alpha   90.00
_cell.angle_beta   90.00
_cell.angle_gamma   120.00
#
_symmetry.space_group_name_H-M   'P 32 2 1'
#
loop_
_entity.id
_entity.type
_entity.pdbx_description
1 polymer 'Cytochrome P450 2B6'
2 non-polymer 'PROTOPORPHYRIN IX CONTAINING FE'
3 non-polymer 5-CYCLOHEXYL-1-PENTYL-BETA-D-MALTOSIDE
4 non-polymer (1S,5R)-2-(bromomethyl)-6,6-dimethylbicyclo[3.1.1]hept-2-ene
5 water water
#
_entity_poly.entity_id   1
_entity_poly.type   'polypeptide(L)'
_entity_poly.pdbx_seq_one_letter_code
;MAKKTSSKGKLPPGPRPLPLLGNLLQMDRRGLLKSFLRFREKYGDVFTVHLGPRPVVMLCGVEAIREALVDKAEAFSGRG
KIAMVDPFFRGYGVVFANGNRWKVLRRFSVTTMRDFGMGKRSVEERIQEEAQCLIEELRKSKGALMDPTFLFQSITANII
CSIVFGKRFHYQDQEFLKMLNLFYQTFSLISSVFGQLFELFSGFLKHFPGAHRQVYKNLQEINAYIGHSVEKHRETLDPS
APRDLIDTYLLHMEKEKSNAHSEFSHQNLNLNTLSLFFAGTETTSTTLRYGFLLMLKYPHVAERVYREIEQVIGPHRPPE
LHDRAKMPYTEAVIYEIQRFSDLLPMGVPHIVTQHTSFRGYIIPKDTEVFLILSTALHDPHYFEKPDAFNPDHFLDANGA
LKKTEAFIPFSLGKRICLGEGIARAELFLFFTTILQNFSMASPVAPEDIDLTPQECGVGKIPPTYQIRFLPRHHHH
;
_entity_poly.pdbx_strand_id   A
#
loop_
_chem_comp.id
_chem_comp.type
_chem_comp.name
_chem_comp.formula
85D non-polymer (1S,5R)-2-(bromomethyl)-6,6-dimethylbicyclo[3.1.1]hept-2-ene 'C10 H15 Br'
CM5 non-polymer 5-CYCLOHEXYL-1-PENTYL-BETA-D-MALTOSIDE 'C23 H42 O11'
HEM non-polymer 'PROTOPORPHYRIN IX CONTAINING FE' 'C34 H32 Fe N4 O4'
#
# COMPACT_ATOMS: atom_id res chain seq x y z
N LYS A 10 -27.12 12.80 15.77
CA LYS A 10 -27.42 11.47 15.39
C LYS A 10 -26.34 11.09 14.40
N LEU A 11 -26.08 9.81 14.31
CA LEU A 11 -25.15 9.35 13.26
C LEU A 11 -25.71 9.61 11.87
N PRO A 12 -24.82 9.64 10.87
CA PRO A 12 -25.38 9.71 9.54
C PRO A 12 -26.38 8.64 9.18
N PRO A 13 -27.22 8.92 8.17
CA PRO A 13 -28.30 7.97 7.89
C PRO A 13 -27.73 6.72 7.20
N GLY A 14 -28.48 5.65 7.15
CA GLY A 14 -28.03 4.48 6.47
C GLY A 14 -29.10 3.45 6.52
N PRO A 15 -28.86 2.30 5.92
CA PRO A 15 -29.83 1.21 5.96
C PRO A 15 -30.10 0.68 7.34
N ARG A 16 -31.33 0.28 7.56
CA ARG A 16 -31.78 -0.17 8.86
C ARG A 16 -31.21 -1.52 9.18
N PRO A 17 -30.59 -1.65 10.32
CA PRO A 17 -29.94 -2.90 10.63
C PRO A 17 -30.81 -3.85 11.43
N LEU A 18 -30.40 -5.11 11.45
CA LEU A 18 -30.95 -6.16 12.32
C LEU A 18 -29.98 -6.46 13.45
N PRO A 19 -30.49 -6.80 14.63
CA PRO A 19 -29.59 -7.13 15.71
C PRO A 19 -28.79 -8.37 15.34
N LEU A 20 -27.57 -8.40 15.80
CA LEU A 20 -26.66 -9.47 15.50
C LEU A 20 -26.09 -9.38 14.09
N LEU A 21 -26.95 -9.36 13.10
CA LEU A 21 -26.54 -9.32 11.71
C LEU A 21 -26.18 -7.94 11.12
N GLY A 22 -26.50 -6.86 11.80
CA GLY A 22 -26.19 -5.57 11.29
C GLY A 22 -26.88 -5.40 9.98
N ASN A 23 -26.19 -4.86 8.98
CA ASN A 23 -26.80 -4.67 7.65
C ASN A 23 -26.51 -5.83 6.70
N LEU A 24 -26.23 -7.01 7.26
CA LEU A 24 -25.88 -8.14 6.37
C LEU A 24 -26.80 -8.36 5.17
N LEU A 25 -28.11 -8.32 5.44
CA LEU A 25 -29.03 -8.77 4.44
C LEU A 25 -29.22 -7.67 3.36
N GLN A 26 -28.68 -6.49 3.60
CA GLN A 26 -28.66 -5.45 2.57
C GLN A 26 -27.31 -5.33 1.77
N MET A 27 -26.34 -6.17 2.13
CA MET A 27 -25.00 -6.13 1.42
C MET A 27 -25.09 -6.75 0.08
N ASP A 28 -24.10 -6.46 -0.75
CA ASP A 28 -23.93 -7.05 -2.06
C ASP A 28 -22.93 -8.17 -1.95
N ARG A 29 -23.28 -9.32 -2.57
CA ARG A 29 -22.43 -10.52 -2.50
C ARG A 29 -21.07 -10.30 -3.15
N ARG A 30 -20.95 -9.24 -3.91
CA ARG A 30 -19.67 -9.03 -4.62
C ARG A 30 -18.63 -8.39 -3.67
N GLY A 31 -19.07 -7.95 -2.48
CA GLY A 31 -18.10 -7.53 -1.43
C GLY A 31 -18.42 -6.24 -0.76
N LEU A 32 -17.51 -5.80 0.11
CA LEU A 32 -17.81 -4.59 0.89
C LEU A 32 -17.87 -3.35 0.07
N LEU A 33 -16.85 -3.12 -0.79
CA LEU A 33 -16.86 -1.92 -1.58
C LEU A 33 -18.15 -1.78 -2.45
N LYS A 34 -18.51 -2.83 -3.19
CA LYS A 34 -19.74 -2.77 -4.01
C LYS A 34 -20.96 -2.49 -3.09
N SER A 35 -21.01 -3.09 -1.92
CA SER A 35 -22.15 -2.86 -0.96
C SER A 35 -22.22 -1.38 -0.63
N PHE A 36 -21.06 -0.78 -0.36
CA PHE A 36 -21.04 0.59 0.08
C PHE A 36 -21.34 1.57 -1.08
N LEU A 37 -20.94 1.21 -2.29
CA LEU A 37 -21.23 2.08 -3.43
C LEU A 37 -22.76 2.05 -3.73
N ARG A 38 -23.40 0.92 -3.49
CA ARG A 38 -24.93 0.83 -3.60
C ARG A 38 -25.59 1.69 -2.54
N PHE A 39 -25.05 1.66 -1.32
CA PHE A 39 -25.61 2.53 -0.28
C PHE A 39 -25.37 3.98 -0.61
N ARG A 40 -24.24 4.32 -1.27
CA ARG A 40 -23.95 5.71 -1.60
C ARG A 40 -25.01 6.26 -2.60
N GLU A 41 -25.44 5.36 -3.48
CA GLU A 41 -26.51 5.76 -4.44
C GLU A 41 -27.69 6.34 -3.67
N LYS A 42 -28.10 5.67 -2.61
CA LYS A 42 -29.31 6.09 -1.91
C LYS A 42 -29.08 7.24 -0.93
N TYR A 43 -27.97 7.16 -0.17
CA TYR A 43 -27.73 8.05 0.99
C TYR A 43 -26.81 9.21 0.77
N GLY A 44 -26.03 9.16 -0.32
CA GLY A 44 -25.13 10.28 -0.61
C GLY A 44 -23.76 9.94 -0.03
N ASP A 45 -23.01 10.97 0.28
CA ASP A 45 -21.54 10.79 0.50
C ASP A 45 -21.18 10.47 1.95
N VAL A 46 -22.15 10.52 2.87
CA VAL A 46 -21.87 10.36 4.31
C VAL A 46 -22.99 9.49 4.85
N PHE A 47 -22.68 8.26 5.26
CA PHE A 47 -23.62 7.35 5.72
C PHE A 47 -23.05 6.32 6.68
N THR A 48 -23.95 5.68 7.42
CA THR A 48 -23.54 4.64 8.39
C THR A 48 -23.91 3.27 7.89
N VAL A 49 -23.02 2.27 8.06
CA VAL A 49 -23.33 0.87 7.78
C VAL A 49 -22.95 0.05 9.07
N HIS A 50 -23.78 -0.90 9.45
CA HIS A 50 -23.48 -1.77 10.55
C HIS A 50 -22.82 -3.02 10.08
N LEU A 51 -21.55 -3.17 10.44
CA LEU A 51 -20.78 -4.31 10.00
C LEU A 51 -20.85 -5.26 11.22
N GLY A 52 -21.76 -6.24 11.15
CA GLY A 52 -22.02 -7.02 12.37
C GLY A 52 -22.42 -6.02 13.48
N PRO A 53 -21.73 -6.09 14.61
CA PRO A 53 -22.04 -5.22 15.77
C PRO A 53 -21.37 -3.85 15.71
N ARG A 54 -20.57 -3.55 14.71
CA ARG A 54 -20.02 -2.18 14.75
C ARG A 54 -20.67 -1.22 13.71
N PRO A 55 -21.20 -0.07 14.19
CA PRO A 55 -21.52 1.07 13.31
C PRO A 55 -20.26 1.64 12.72
N VAL A 56 -20.22 1.77 11.39
CA VAL A 56 -19.02 2.38 10.74
C VAL A 56 -19.56 3.47 9.80
N VAL A 57 -19.01 4.65 9.90
CA VAL A 57 -19.38 5.78 9.05
C VAL A 57 -18.50 5.72 7.77
N MET A 58 -19.18 5.74 6.60
CA MET A 58 -18.43 5.82 5.33
C MET A 58 -18.44 7.25 4.87
N LEU A 59 -17.26 7.75 4.50
CA LEU A 59 -17.16 9.07 3.87
C LEU A 59 -16.69 8.90 2.40
N CYS A 60 -17.43 9.50 1.43
CA CYS A 60 -17.12 9.28 -0.01
C CYS A 60 -16.90 10.62 -0.64
N GLY A 61 -16.08 10.61 -1.66
CA GLY A 61 -15.83 11.81 -2.49
C GLY A 61 -14.65 12.62 -1.92
N VAL A 62 -13.92 13.37 -2.74
CA VAL A 62 -12.71 13.99 -2.19
C VAL A 62 -13.11 15.13 -1.24
N GLU A 63 -14.22 15.84 -1.49
CA GLU A 63 -14.59 16.90 -0.53
C GLU A 63 -14.74 16.41 0.91
N ALA A 64 -15.57 15.39 1.08
CA ALA A 64 -15.89 14.93 2.43
C ALA A 64 -14.66 14.27 3.12
N ILE A 65 -13.85 13.57 2.34
CA ILE A 65 -12.75 12.82 2.91
C ILE A 65 -11.77 13.89 3.32
N ARG A 66 -11.56 14.92 2.51
N ARG A 66 -11.55 14.92 2.52
CA ARG A 66 -10.66 16.00 2.87
CA ARG A 66 -10.66 16.02 2.88
C ARG A 66 -11.17 16.81 4.07
C ARG A 66 -11.17 16.79 4.08
N GLU A 67 -12.47 17.08 4.14
CA GLU A 67 -12.98 17.81 5.33
C GLU A 67 -12.64 17.04 6.62
N ALA A 68 -12.77 15.73 6.59
CA ALA A 68 -12.47 14.91 7.76
C ALA A 68 -10.99 14.85 8.08
N LEU A 69 -10.19 14.36 7.11
CA LEU A 69 -8.75 14.07 7.41
C LEU A 69 -7.87 15.31 7.49
N VAL A 70 -8.24 16.38 6.76
CA VAL A 70 -7.43 17.63 6.84
C VAL A 70 -8.04 18.68 7.79
N ASP A 71 -9.28 19.06 7.48
CA ASP A 71 -9.98 20.09 8.28
C ASP A 71 -10.31 19.66 9.69
N LYS A 72 -10.51 18.36 9.91
CA LYS A 72 -10.80 17.92 11.23
C LYS A 72 -9.81 16.85 11.70
N ALA A 73 -8.55 17.03 11.45
CA ALA A 73 -7.57 16.08 11.87
C ALA A 73 -7.53 15.87 13.41
N GLU A 74 -8.08 16.80 14.18
CA GLU A 74 -8.08 16.63 15.63
C GLU A 74 -8.97 15.50 16.02
N ALA A 75 -9.83 15.06 15.14
CA ALA A 75 -10.75 14.05 15.50
C ALA A 75 -10.63 12.81 14.65
N PHE A 76 -10.16 12.95 13.45
CA PHE A 76 -10.30 11.80 12.49
C PHE A 76 -9.05 11.02 12.35
N SER A 77 -8.04 11.31 13.18
CA SER A 77 -6.66 10.72 13.03
C SER A 77 -6.45 9.35 13.76
N GLY A 78 -7.49 8.81 14.40
CA GLY A 78 -7.41 7.48 15.01
C GLY A 78 -7.29 6.34 13.95
N ARG A 79 -6.79 5.19 14.36
CA ARG A 79 -6.72 3.99 13.52
C ARG A 79 -7.72 3.00 13.99
N GLY A 80 -8.51 2.49 13.06
CA GLY A 80 -9.56 1.49 13.33
C GLY A 80 -9.01 0.08 13.14
N LYS A 81 -9.87 -0.94 13.13
CA LYS A 81 -9.33 -2.30 13.18
C LYS A 81 -9.53 -3.10 11.90
N ILE A 82 -8.53 -3.88 11.49
CA ILE A 82 -8.78 -4.79 10.33
C ILE A 82 -8.87 -6.12 10.99
N ALA A 83 -10.07 -6.70 10.97
CA ALA A 83 -10.29 -7.88 11.81
C ALA A 83 -9.34 -9.02 11.52
N MET A 84 -8.99 -9.24 10.22
CA MET A 84 -8.18 -10.41 9.89
C MET A 84 -6.75 -10.31 10.46
N VAL A 85 -6.28 -9.11 10.73
CA VAL A 85 -4.93 -8.95 11.27
C VAL A 85 -4.82 -8.41 12.70
N ASP A 86 -5.88 -7.85 13.23
CA ASP A 86 -5.83 -7.36 14.62
C ASP A 86 -5.30 -8.37 15.61
N PRO A 87 -5.69 -9.63 15.48
CA PRO A 87 -5.26 -10.61 16.48
C PRO A 87 -3.76 -10.70 16.48
N PHE A 88 -3.12 -10.38 15.37
CA PHE A 88 -1.71 -10.45 15.35
C PHE A 88 -1.04 -9.17 15.86
N PHE A 89 -1.42 -8.07 15.27
CA PHE A 89 -0.74 -6.82 15.55
C PHE A 89 -1.13 -6.22 16.91
N ARG A 90 -2.37 -6.34 17.29
CA ARG A 90 -2.75 -5.98 18.63
C ARG A 90 -2.39 -4.55 19.03
N GLY A 91 -2.47 -3.62 18.10
CA GLY A 91 -2.18 -2.27 18.43
C GLY A 91 -0.67 -1.90 18.52
N TYR A 92 0.22 -2.82 18.19
CA TYR A 92 1.69 -2.55 18.18
C TYR A 92 2.13 -2.18 16.76
N GLY A 93 3.19 -1.38 16.66
CA GLY A 93 3.68 -0.94 15.37
C GLY A 93 3.04 0.37 14.99
N VAL A 94 3.64 1.09 14.05
CA VAL A 94 3.10 2.40 13.67
C VAL A 94 1.76 2.31 12.89
N VAL A 95 1.63 1.34 11.99
CA VAL A 95 0.40 1.17 11.22
C VAL A 95 -0.86 1.00 12.09
N PHE A 96 -0.76 0.20 13.14
CA PHE A 96 -1.88 -0.14 13.97
C PHE A 96 -1.95 0.52 15.31
N ALA A 97 -1.01 1.40 15.57
CA ALA A 97 -1.05 2.13 16.86
C ALA A 97 -1.95 3.30 16.93
N ASN A 98 -2.28 3.67 18.18
CA ASN A 98 -3.05 4.83 18.41
C ASN A 98 -2.37 5.64 19.54
N GLY A 99 -2.84 6.83 19.72
CA GLY A 99 -2.52 7.60 20.93
C GLY A 99 -1.05 7.98 20.97
N ASN A 100 -0.52 8.02 22.17
CA ASN A 100 0.90 8.35 22.29
C ASN A 100 1.83 7.33 21.65
N ARG A 101 1.48 6.06 21.74
CA ARG A 101 2.28 5.06 21.02
C ARG A 101 2.43 5.44 19.52
N TRP A 102 1.34 5.81 18.87
CA TRP A 102 1.39 6.24 17.45
C TRP A 102 2.29 7.48 17.30
N LYS A 103 2.13 8.46 18.19
CA LYS A 103 2.98 9.62 18.05
C LYS A 103 4.44 9.26 18.04
N VAL A 104 4.89 8.45 19.02
CA VAL A 104 6.28 8.08 19.18
C VAL A 104 6.77 7.26 17.95
N LEU A 105 6.00 6.23 17.60
CA LEU A 105 6.39 5.33 16.48
C LEU A 105 6.33 6.04 15.11
N ARG A 106 5.35 6.91 14.90
CA ARG A 106 5.32 7.71 13.64
C ARG A 106 6.56 8.60 13.53
N ARG A 107 6.85 9.30 14.59
CA ARG A 107 8.02 10.15 14.57
C ARG A 107 9.31 9.37 14.36
N PHE A 108 9.50 8.27 15.06
CA PHE A 108 10.68 7.46 14.89
C PHE A 108 10.78 6.93 13.45
N SER A 109 9.65 6.47 12.90
CA SER A 109 9.68 5.74 11.65
C SER A 109 9.89 6.76 10.48
N VAL A 110 9.28 7.93 10.60
CA VAL A 110 9.42 8.97 9.56
C VAL A 110 10.89 9.39 9.55
N THR A 111 11.45 9.60 10.74
CA THR A 111 12.88 10.00 10.79
C THR A 111 13.85 8.95 10.25
N THR A 112 13.68 7.69 10.64
CA THR A 112 14.60 6.63 10.19
C THR A 112 14.35 6.08 8.77
N MET A 113 13.24 6.42 8.16
CA MET A 113 13.00 5.97 6.81
C MET A 113 13.51 7.09 5.84
N ARG A 114 13.97 8.20 6.44
CA ARG A 114 14.43 9.32 5.60
C ARG A 114 15.95 9.64 5.81
N ASP A 115 16.39 9.58 7.05
CA ASP A 115 17.73 9.91 7.46
C ASP A 115 18.53 8.69 7.83
N PHE A 116 19.63 8.46 7.14
CA PHE A 116 20.30 7.22 7.24
C PHE A 116 21.71 7.25 7.82
N GLY A 117 22.23 8.44 8.07
CA GLY A 117 23.58 8.57 8.57
C GLY A 117 24.47 9.24 7.54
N MET A 118 25.62 9.71 7.98
CA MET A 118 26.57 10.28 7.05
C MET A 118 27.23 9.12 6.34
N GLY A 119 27.51 9.31 5.06
CA GLY A 119 28.13 8.23 4.27
C GLY A 119 27.22 7.09 3.80
N LYS A 120 25.92 7.15 4.16
CA LYS A 120 24.94 6.15 3.72
C LYS A 120 24.29 6.60 2.41
N ARG A 121 23.91 5.62 1.57
CA ARG A 121 23.15 5.88 0.35
C ARG A 121 21.77 6.57 0.58
N SER A 122 21.43 7.52 -0.31
CA SER A 122 20.11 8.12 -0.37
C SER A 122 19.09 7.01 -0.75
N VAL A 123 17.81 7.29 -0.52
CA VAL A 123 16.72 6.41 -1.05
C VAL A 123 16.92 6.25 -2.55
N GLU A 124 17.18 7.39 -3.25
CA GLU A 124 17.37 7.32 -4.70
C GLU A 124 18.42 6.33 -5.12
N GLU A 125 19.63 6.42 -4.53
CA GLU A 125 20.69 5.50 -4.91
C GLU A 125 20.36 4.05 -4.60
N ARG A 126 19.63 3.79 -3.52
CA ARG A 126 19.33 2.41 -3.13
C ARG A 126 18.36 1.88 -4.25
N ILE A 127 17.44 2.75 -4.70
CA ILE A 127 16.48 2.25 -5.77
C ILE A 127 17.23 2.07 -7.08
N GLN A 128 18.13 3.00 -7.37
CA GLN A 128 18.88 2.86 -8.63
C GLN A 128 19.72 1.60 -8.65
N GLU A 129 20.38 1.29 -7.53
CA GLU A 129 21.15 0.01 -7.42
C GLU A 129 20.26 -1.21 -7.61
N GLU A 130 19.16 -1.24 -6.86
CA GLU A 130 18.24 -2.33 -7.03
C GLU A 130 17.74 -2.46 -8.44
N ALA A 131 17.43 -1.34 -9.10
CA ALA A 131 16.94 -1.44 -10.45
C ALA A 131 18.01 -2.01 -11.40
N GLN A 132 19.28 -1.75 -11.14
CA GLN A 132 20.34 -2.45 -11.99
C GLN A 132 20.43 -3.95 -11.71
N CYS A 133 20.19 -4.36 -10.46
CA CYS A 133 20.18 -5.79 -10.15
C CYS A 133 19.02 -6.40 -10.93
N LEU A 134 17.85 -5.70 -10.93
CA LEU A 134 16.63 -6.26 -11.56
C LEU A 134 16.88 -6.41 -13.08
N ILE A 135 17.47 -5.37 -13.70
CA ILE A 135 17.73 -5.44 -15.14
C ILE A 135 18.68 -6.57 -15.50
N GLU A 136 19.66 -6.79 -14.64
CA GLU A 136 20.53 -7.89 -14.87
C GLU A 136 19.78 -9.21 -14.75
N GLU A 137 18.94 -9.35 -13.71
CA GLU A 137 18.10 -10.56 -13.66
C GLU A 137 17.23 -10.78 -14.91
N LEU A 138 16.50 -9.76 -15.37
CA LEU A 138 15.65 -9.87 -16.55
C LEU A 138 16.49 -10.18 -17.81
N ARG A 139 17.69 -9.63 -17.90
CA ARG A 139 18.55 -10.01 -19.09
C ARG A 139 18.85 -11.52 -19.01
N LYS A 140 19.13 -11.99 -17.78
CA LYS A 140 19.53 -13.41 -17.59
C LYS A 140 18.26 -14.29 -17.69
N SER A 141 17.07 -13.65 -17.76
CA SER A 141 15.91 -14.45 -17.86
C SER A 141 15.70 -14.95 -19.27
N LYS A 142 16.49 -14.51 -20.22
CA LYS A 142 16.47 -15.23 -21.52
C LYS A 142 15.10 -15.05 -22.23
N GLY A 143 14.38 -13.95 -21.98
CA GLY A 143 13.05 -13.73 -22.60
C GLY A 143 11.96 -14.74 -22.23
N ALA A 144 12.16 -15.45 -21.14
CA ALA A 144 11.22 -16.50 -20.83
C ALA A 144 9.93 -15.91 -20.25
N LEU A 145 8.84 -16.66 -20.35
CA LEU A 145 7.61 -16.26 -19.57
C LEU A 145 7.77 -16.37 -18.09
N MET A 146 7.19 -15.43 -17.35
CA MET A 146 7.16 -15.51 -15.90
C MET A 146 5.90 -14.82 -15.38
N ASP A 147 5.48 -15.18 -14.17
CA ASP A 147 4.65 -14.26 -13.37
C ASP A 147 5.67 -13.36 -12.60
N PRO A 148 5.65 -12.07 -12.91
CA PRO A 148 6.67 -11.15 -12.42
C PRO A 148 6.44 -10.83 -10.91
N THR A 149 5.41 -11.36 -10.28
CA THR A 149 5.14 -11.07 -8.83
C THR A 149 6.41 -11.12 -7.95
N PHE A 150 7.12 -12.24 -8.04
CA PHE A 150 8.24 -12.47 -7.12
C PHE A 150 9.31 -11.40 -7.28
N LEU A 151 9.51 -10.89 -8.51
CA LEU A 151 10.53 -9.89 -8.71
C LEU A 151 10.07 -8.52 -8.28
N PHE A 152 8.78 -8.22 -8.54
CA PHE A 152 8.29 -6.93 -8.06
C PHE A 152 8.27 -6.91 -6.57
N GLN A 153 8.02 -8.05 -5.91
CA GLN A 153 8.06 -8.05 -4.40
C GLN A 153 9.54 -7.98 -3.98
N SER A 154 10.43 -8.64 -4.73
CA SER A 154 11.86 -8.65 -4.26
C SER A 154 12.44 -7.30 -4.32
N ILE A 155 12.15 -6.49 -5.38
CA ILE A 155 12.82 -5.19 -5.49
C ILE A 155 12.27 -4.21 -4.47
N THR A 156 10.97 -4.30 -4.18
CA THR A 156 10.40 -3.38 -3.21
C THR A 156 10.77 -3.77 -1.80
N ALA A 157 10.79 -5.07 -1.53
CA ALA A 157 11.15 -5.52 -0.20
C ALA A 157 12.62 -5.12 0.03
N ASN A 158 13.44 -5.29 -1.01
CA ASN A 158 14.86 -4.96 -0.82
C ASN A 158 15.19 -3.50 -0.50
N ILE A 159 14.31 -2.57 -0.94
CA ILE A 159 14.54 -1.17 -0.54
C ILE A 159 14.38 -1.03 0.97
N ILE A 160 13.28 -1.55 1.47
CA ILE A 160 13.08 -1.55 2.94
C ILE A 160 14.15 -2.34 3.69
N CYS A 161 14.54 -3.53 3.22
CA CYS A 161 15.59 -4.30 3.90
C CYS A 161 16.88 -3.48 3.96
N SER A 162 17.19 -2.71 2.92
CA SER A 162 18.43 -1.93 2.98
C SER A 162 18.40 -0.91 4.13
N ILE A 163 17.22 -0.34 4.37
CA ILE A 163 17.06 0.64 5.43
C ILE A 163 17.03 -0.07 6.83
N VAL A 164 16.25 -1.15 6.91
CA VAL A 164 15.95 -1.77 8.20
C VAL A 164 17.03 -2.70 8.64
N PHE A 165 17.61 -3.43 7.70
CA PHE A 165 18.56 -4.51 8.04
C PHE A 165 20.00 -4.23 7.53
N GLY A 166 20.18 -3.16 6.80
CA GLY A 166 21.48 -2.76 6.27
C GLY A 166 21.94 -3.76 5.22
N LYS A 167 21.02 -4.45 4.54
CA LYS A 167 21.48 -5.43 3.51
C LYS A 167 20.30 -5.68 2.55
N ARG A 168 20.56 -6.34 1.43
CA ARG A 168 19.47 -6.83 0.54
C ARG A 168 19.58 -8.33 0.48
N PHE A 169 18.52 -8.99 0.02
CA PHE A 169 18.52 -10.41 -0.26
C PHE A 169 18.66 -10.69 -1.77
N HIS A 170 19.32 -11.79 -2.11
CA HIS A 170 19.45 -12.13 -3.56
C HIS A 170 18.16 -12.70 -4.08
N TYR A 171 17.88 -12.48 -5.35
CA TYR A 171 16.64 -12.97 -5.94
C TYR A 171 16.55 -14.50 -5.94
N GLN A 172 17.68 -15.18 -5.83
CA GLN A 172 17.73 -16.67 -5.84
C GLN A 172 17.62 -17.34 -4.47
N ASP A 173 17.60 -16.53 -3.44
CA ASP A 173 17.54 -17.01 -2.10
C ASP A 173 16.17 -17.59 -1.79
N GLN A 174 16.03 -18.91 -1.76
CA GLN A 174 14.77 -19.52 -1.46
C GLN A 174 14.18 -19.10 -0.11
N GLU A 175 15.00 -18.76 0.84
CA GLU A 175 14.45 -18.36 2.11
C GLU A 175 13.78 -16.98 2.05
N PHE A 176 14.36 -16.08 1.28
CA PHE A 176 13.79 -14.80 0.94
C PHE A 176 12.52 -15.04 0.15
N LEU A 177 12.59 -15.84 -0.91
CA LEU A 177 11.34 -16.10 -1.63
C LEU A 177 10.21 -16.68 -0.81
N LYS A 178 10.52 -17.58 0.12
CA LYS A 178 9.49 -18.10 1.03
C LYS A 178 8.81 -17.00 1.82
N MET A 179 9.57 -16.07 2.37
CA MET A 179 8.95 -14.90 3.06
C MET A 179 8.05 -14.03 2.12
N LEU A 180 8.50 -13.82 0.87
CA LEU A 180 7.74 -13.00 -0.04
C LEU A 180 6.46 -13.76 -0.43
N ASN A 181 6.54 -15.10 -0.47
CA ASN A 181 5.36 -15.88 -0.76
C ASN A 181 4.33 -15.66 0.42
N LEU A 182 4.83 -15.60 1.64
CA LEU A 182 3.93 -15.37 2.82
C LEU A 182 3.28 -13.97 2.70
N PHE A 183 4.02 -12.96 2.32
CA PHE A 183 3.39 -11.60 2.14
C PHE A 183 2.29 -11.66 1.08
N TYR A 184 2.56 -12.38 -0.03
CA TYR A 184 1.63 -12.40 -1.12
C TYR A 184 0.35 -13.16 -0.76
N GLN A 185 0.49 -14.31 -0.12
CA GLN A 185 -0.67 -15.09 0.24
C GLN A 185 -1.44 -14.35 1.32
N THR A 186 -0.72 -13.68 2.21
CA THR A 186 -1.44 -13.04 3.34
C THR A 186 -2.31 -11.85 2.82
N PHE A 187 -1.76 -11.02 1.97
CA PHE A 187 -2.54 -9.88 1.42
C PHE A 187 -3.78 -10.43 0.66
N SER A 188 -3.61 -11.54 -0.10
CA SER A 188 -4.73 -12.14 -0.78
C SER A 188 -5.80 -12.64 0.20
N LEU A 189 -5.38 -13.39 1.21
CA LEU A 189 -6.32 -13.83 2.28
C LEU A 189 -7.06 -12.72 2.93
N ILE A 190 -6.36 -11.66 3.35
CA ILE A 190 -7.05 -10.58 4.05
C ILE A 190 -8.12 -9.93 3.15
N SER A 191 -7.86 -9.89 1.84
CA SER A 191 -8.71 -9.21 0.82
C SER A 191 -9.84 -10.11 0.27
N SER A 192 -9.82 -11.42 0.62
CA SER A 192 -10.78 -12.47 0.13
C SER A 192 -12.17 -12.20 0.66
N VAL A 193 -13.16 -12.88 0.06
CA VAL A 193 -14.52 -12.79 0.54
C VAL A 193 -14.64 -13.23 2.02
N PHE A 194 -13.93 -14.30 2.39
CA PHE A 194 -13.87 -14.67 3.79
C PHE A 194 -13.29 -13.56 4.62
N GLY A 195 -12.19 -12.91 4.16
CA GLY A 195 -11.65 -11.85 5.00
C GLY A 195 -12.63 -10.69 5.18
N GLN A 196 -13.49 -10.43 4.18
CA GLN A 196 -14.43 -9.38 4.28
C GLN A 196 -15.58 -9.82 5.23
N LEU A 197 -16.02 -11.06 5.08
CA LEU A 197 -17.02 -11.66 6.08
C LEU A 197 -16.53 -11.59 7.53
N PHE A 198 -15.22 -11.78 7.72
CA PHE A 198 -14.60 -11.70 9.03
C PHE A 198 -14.65 -10.33 9.64
N GLU A 199 -14.59 -9.32 8.78
CA GLU A 199 -14.76 -7.94 9.22
C GLU A 199 -16.13 -7.74 9.87
N LEU A 200 -17.11 -8.51 9.43
CA LEU A 200 -18.47 -8.40 9.98
C LEU A 200 -18.62 -9.29 11.25
N PHE A 201 -18.11 -10.50 11.15
CA PHE A 201 -18.48 -11.52 12.14
C PHE A 201 -17.29 -12.20 12.81
N SER A 202 -16.19 -11.46 13.04
CA SER A 202 -15.02 -12.11 13.64
C SER A 202 -15.35 -12.68 15.06
N GLY A 203 -16.16 -11.94 15.80
CA GLY A 203 -16.67 -12.44 17.13
C GLY A 203 -17.08 -13.90 17.13
N PHE A 204 -17.71 -14.36 16.03
CA PHE A 204 -18.31 -15.67 15.92
C PHE A 204 -17.35 -16.58 15.15
N LEU A 205 -16.94 -16.08 13.99
CA LEU A 205 -16.04 -16.85 13.11
C LEU A 205 -14.65 -17.21 13.70
N LYS A 206 -14.13 -16.42 14.65
CA LYS A 206 -12.81 -16.70 15.24
C LYS A 206 -12.76 -18.12 15.94
N HIS A 207 -13.89 -18.63 16.35
CA HIS A 207 -13.95 -19.93 17.00
C HIS A 207 -13.88 -21.12 16.05
N PHE A 208 -13.81 -20.86 14.77
CA PHE A 208 -13.72 -21.94 13.82
C PHE A 208 -12.46 -21.86 13.01
N PRO A 209 -12.15 -22.93 12.31
CA PRO A 209 -11.07 -22.91 11.35
C PRO A 209 -11.29 -21.87 10.29
N GLY A 210 -10.23 -21.37 9.70
CA GLY A 210 -10.45 -20.37 8.65
C GLY A 210 -9.21 -19.62 8.26
N ALA A 211 -9.36 -18.72 7.28
CA ALA A 211 -8.23 -17.97 6.75
C ALA A 211 -7.58 -17.07 7.78
N HIS A 212 -8.34 -16.60 8.80
CA HIS A 212 -7.76 -15.79 9.85
C HIS A 212 -6.65 -16.57 10.55
N ARG A 213 -6.81 -17.90 10.65
CA ARG A 213 -5.78 -18.68 11.36
C ARG A 213 -4.51 -18.78 10.53
N GLN A 214 -4.68 -18.97 9.23
CA GLN A 214 -3.56 -19.02 8.28
C GLN A 214 -2.84 -17.67 8.24
N VAL A 215 -3.61 -16.54 8.18
CA VAL A 215 -2.94 -15.22 8.25
C VAL A 215 -2.07 -15.08 9.52
N TYR A 216 -2.62 -15.47 10.68
CA TYR A 216 -1.86 -15.41 11.92
C TYR A 216 -0.53 -16.23 11.84
N LYS A 217 -0.64 -17.45 11.31
CA LYS A 217 0.52 -18.34 11.13
C LYS A 217 1.58 -17.74 10.18
N ASN A 218 1.11 -17.14 9.07
CA ASN A 218 2.02 -16.58 8.07
C ASN A 218 2.74 -15.39 8.70
N LEU A 219 1.96 -14.50 9.37
CA LEU A 219 2.64 -13.35 9.94
C LEU A 219 3.67 -13.76 11.04
N GLN A 220 3.32 -14.75 11.83
CA GLN A 220 4.28 -15.16 12.84
C GLN A 220 5.57 -15.70 12.22
N GLU A 221 5.42 -16.42 11.13
CA GLU A 221 6.59 -16.98 10.48
C GLU A 221 7.56 -15.87 10.03
N ILE A 222 7.03 -14.79 9.42
CA ILE A 222 7.84 -13.65 9.05
C ILE A 222 8.43 -13.00 10.26
N ASN A 223 7.59 -12.84 11.28
CA ASN A 223 8.08 -12.12 12.48
C ASN A 223 9.26 -12.89 13.20
N ALA A 224 9.28 -14.21 13.05
CA ALA A 224 10.34 -15.04 13.62
C ALA A 224 11.71 -14.64 13.11
N TYR A 225 11.80 -14.42 11.80
CA TYR A 225 12.98 -13.79 11.26
C TYR A 225 13.34 -12.45 11.90
N ILE A 226 12.36 -11.54 12.03
CA ILE A 226 12.60 -10.23 12.55
C ILE A 226 13.18 -10.35 13.98
N GLY A 227 12.49 -11.10 14.85
CA GLY A 227 12.98 -11.32 16.24
C GLY A 227 14.46 -11.79 16.29
N HIS A 228 14.81 -12.74 15.43
CA HIS A 228 16.17 -13.30 15.39
C HIS A 228 17.12 -12.23 14.91
N SER A 229 16.68 -11.44 13.90
CA SER A 229 17.57 -10.37 13.42
C SER A 229 17.81 -9.33 14.51
N VAL A 230 16.78 -9.04 15.29
CA VAL A 230 16.93 -8.09 16.42
C VAL A 230 17.98 -8.61 17.43
N GLU A 231 17.89 -9.91 17.70
CA GLU A 231 18.80 -10.56 18.69
C GLU A 231 20.25 -10.47 18.22
N LYS A 232 20.49 -10.76 16.96
CA LYS A 232 21.81 -10.60 16.35
C LYS A 232 22.31 -9.18 16.33
N HIS A 233 21.41 -8.20 16.04
CA HIS A 233 21.83 -6.84 15.96
C HIS A 233 22.31 -6.44 17.35
N ARG A 234 21.56 -6.85 18.38
CA ARG A 234 21.83 -6.39 19.76
C ARG A 234 23.21 -6.92 20.21
N GLU A 235 23.54 -8.11 19.72
CA GLU A 235 24.82 -8.79 20.01
C GLU A 235 26.00 -8.08 19.43
N THR A 236 25.81 -7.49 18.26
CA THR A 236 26.89 -6.82 17.62
C THR A 236 26.72 -5.30 17.59
N LEU A 237 25.79 -4.75 18.34
CA LEU A 237 25.51 -3.30 18.26
C LEU A 237 26.74 -2.46 18.68
N ASP A 238 27.10 -1.44 17.88
CA ASP A 238 28.09 -0.45 18.23
C ASP A 238 27.40 0.85 18.51
N PRO A 239 27.23 1.24 19.73
CA PRO A 239 26.48 2.45 19.97
C PRO A 239 27.05 3.63 19.24
N SER A 240 28.30 3.58 18.86
CA SER A 240 28.91 4.74 18.29
C SER A 240 28.70 4.78 16.82
N ALA A 241 28.30 3.66 16.25
CA ALA A 241 28.09 3.57 14.84
C ALA A 241 26.89 2.68 14.48
N PRO A 242 25.70 3.20 14.64
CA PRO A 242 24.48 2.43 14.26
C PRO A 242 24.51 2.11 12.78
N ARG A 243 24.14 0.89 12.40
CA ARG A 243 24.24 0.47 10.96
C ARG A 243 22.91 0.68 10.22
N ASP A 244 21.78 0.75 10.94
CA ASP A 244 20.49 0.67 10.25
C ASP A 244 19.38 1.05 11.21
N LEU A 245 18.13 0.97 10.74
CA LEU A 245 17.00 1.40 11.60
C LEU A 245 16.88 0.57 12.86
N ILE A 246 17.17 -0.72 12.80
CA ILE A 246 17.10 -1.58 13.96
C ILE A 246 18.11 -1.13 15.04
N ASP A 247 19.35 -0.83 14.65
CA ASP A 247 20.31 -0.32 15.65
C ASP A 247 19.81 0.96 16.24
N THR A 248 19.25 1.89 15.43
CA THR A 248 18.82 3.13 15.95
C THR A 248 17.72 2.89 17.03
N TYR A 249 16.81 1.97 16.72
CA TYR A 249 15.74 1.75 17.72
C TYR A 249 16.31 1.08 18.96
N LEU A 250 17.28 0.18 18.78
CA LEU A 250 17.91 -0.44 19.98
C LEU A 250 18.61 0.57 20.93
N LEU A 251 19.15 1.66 20.36
CA LEU A 251 19.82 2.71 21.18
C LEU A 251 18.74 3.51 21.94
N HIS A 252 17.57 3.73 21.31
CA HIS A 252 16.41 4.37 22.03
C HIS A 252 15.97 3.46 23.17
N MET A 253 15.89 2.18 22.90
CA MET A 253 15.45 1.21 23.89
C MET A 253 16.35 1.26 25.13
N GLU A 254 17.67 1.36 24.88
CA GLU A 254 18.68 1.39 25.95
C GLU A 254 18.56 2.70 26.70
N LYS A 255 18.33 3.81 26.01
CA LYS A 255 18.16 5.12 26.66
C LYS A 255 16.96 5.16 27.61
N GLU A 256 15.88 4.46 27.23
CA GLU A 256 14.64 4.57 27.99
C GLU A 256 14.45 3.37 28.89
N LYS A 257 15.49 2.49 29.04
CA LYS A 257 15.27 1.16 29.72
C LYS A 257 14.77 1.33 31.20
N SER A 258 15.04 2.46 31.85
CA SER A 258 14.50 2.58 33.25
C SER A 258 12.99 2.86 33.34
N ASN A 259 12.35 3.15 32.17
CA ASN A 259 10.93 3.41 32.14
C ASN A 259 10.21 2.12 31.73
N ALA A 260 9.48 1.49 32.64
CA ALA A 260 8.79 0.20 32.28
C ALA A 260 7.77 0.44 31.19
N HIS A 261 7.34 1.69 31.04
CA HIS A 261 6.28 2.09 30.05
C HIS A 261 6.82 2.63 28.73
N SER A 262 8.14 2.57 28.57
CA SER A 262 8.70 3.03 27.35
C SER A 262 8.01 2.37 26.13
N GLU A 263 7.77 3.21 25.08
CA GLU A 263 7.18 2.64 23.87
C GLU A 263 8.24 1.93 23.03
N PHE A 264 9.53 2.16 23.36
CA PHE A 264 10.56 1.41 22.62
C PHE A 264 10.76 -0.03 23.14
N SER A 265 9.72 -0.84 22.97
CA SER A 265 9.68 -2.16 23.50
C SER A 265 9.99 -3.18 22.38
N HIS A 266 10.23 -4.41 22.79
CA HIS A 266 10.56 -5.44 21.75
C HIS A 266 9.35 -5.77 20.93
N GLN A 267 8.14 -5.75 21.53
CA GLN A 267 6.93 -6.02 20.68
C GLN A 267 6.72 -4.90 19.67
N ASN A 268 6.93 -3.64 20.09
CA ASN A 268 6.84 -2.54 19.09
C ASN A 268 7.96 -2.69 18.05
N LEU A 269 9.11 -3.23 18.43
CA LEU A 269 10.24 -3.21 17.50
C LEU A 269 9.87 -4.27 16.40
N ASN A 270 9.47 -5.44 16.86
CA ASN A 270 9.23 -6.60 15.92
C ASN A 270 8.04 -6.18 15.02
N LEU A 271 6.96 -5.70 15.65
CA LEU A 271 5.75 -5.41 14.85
C LEU A 271 5.77 -4.12 14.07
N ASN A 272 6.49 -3.11 14.55
CA ASN A 272 6.70 -1.94 13.71
C ASN A 272 7.48 -2.35 12.44
N THR A 273 8.49 -3.16 12.65
CA THR A 273 9.36 -3.58 11.54
C THR A 273 8.53 -4.45 10.57
N LEU A 274 7.73 -5.34 11.10
CA LEU A 274 6.98 -6.21 10.17
C LEU A 274 5.96 -5.31 9.40
N SER A 275 5.33 -4.36 10.10
CA SER A 275 4.37 -3.39 9.47
C SER A 275 5.06 -2.60 8.35
N LEU A 276 6.28 -2.15 8.53
CA LEU A 276 6.97 -1.44 7.49
C LEU A 276 7.23 -2.31 6.26
N PHE A 277 7.59 -3.55 6.49
CA PHE A 277 7.81 -4.46 5.40
C PHE A 277 6.57 -4.78 4.65
N PHE A 278 5.49 -5.06 5.38
CA PHE A 278 4.22 -5.43 4.75
C PHE A 278 3.68 -4.28 3.89
N ALA A 279 3.64 -3.09 4.48
CA ALA A 279 3.15 -1.92 3.81
C ALA A 279 4.02 -1.43 2.68
N GLY A 280 5.29 -1.72 2.71
CA GLY A 280 6.21 -1.20 1.75
C GLY A 280 6.51 -2.16 0.62
N THR A 281 6.26 -3.43 0.87
CA THR A 281 6.41 -4.49 -0.09
C THR A 281 5.12 -4.76 -0.84
N GLU A 282 4.04 -5.08 -0.14
CA GLU A 282 2.82 -5.58 -0.79
C GLU A 282 2.07 -4.51 -1.60
N THR A 283 2.31 -3.26 -1.27
CA THR A 283 1.65 -2.14 -1.89
C THR A 283 2.30 -1.85 -3.24
N THR A 284 3.54 -1.46 -3.19
CA THR A 284 4.22 -1.03 -4.41
C THR A 284 4.34 -2.21 -5.36
N SER A 285 4.54 -3.41 -4.85
CA SER A 285 4.70 -4.53 -5.83
C SER A 285 3.32 -4.85 -6.48
N THR A 286 2.21 -4.67 -5.75
CA THR A 286 0.90 -4.87 -6.36
C THR A 286 0.60 -3.80 -7.45
N THR A 287 0.98 -2.58 -7.19
CA THR A 287 0.83 -1.50 -8.18
C THR A 287 1.67 -1.82 -9.42
N LEU A 288 2.91 -2.28 -9.22
CA LEU A 288 3.76 -2.69 -10.36
C LEU A 288 3.13 -3.84 -11.09
N ARG A 289 2.53 -4.78 -10.37
CA ARG A 289 1.87 -5.89 -11.03
C ARG A 289 0.75 -5.38 -11.96
N TYR A 290 -0.07 -4.52 -11.48
CA TYR A 290 -1.15 -3.96 -12.29
C TYR A 290 -0.55 -3.14 -13.45
N GLY A 291 0.47 -2.40 -13.14
CA GLY A 291 1.08 -1.49 -14.14
C GLY A 291 1.54 -2.31 -15.33
N PHE A 292 2.17 -3.44 -15.12
CA PHE A 292 2.72 -4.19 -16.33
C PHE A 292 1.59 -4.95 -17.04
N LEU A 293 0.53 -5.29 -16.31
CA LEU A 293 -0.62 -5.96 -16.98
C LEU A 293 -1.32 -4.86 -17.85
N LEU A 294 -1.42 -3.63 -17.36
CA LEU A 294 -1.99 -2.52 -18.13
C LEU A 294 -1.13 -2.24 -19.39
N MET A 295 0.20 -2.37 -19.25
CA MET A 295 1.08 -2.16 -20.41
C MET A 295 0.92 -3.26 -21.44
N LEU A 296 0.60 -4.45 -21.00
CA LEU A 296 0.32 -5.56 -21.98
C LEU A 296 -1.02 -5.30 -22.73
N LYS A 297 -2.00 -4.78 -22.01
CA LYS A 297 -3.30 -4.47 -22.63
C LYS A 297 -3.30 -3.22 -23.48
N TYR A 298 -2.45 -2.27 -23.17
CA TYR A 298 -2.36 -1.01 -23.89
C TYR A 298 -0.94 -0.75 -24.37
N PRO A 299 -0.50 -1.58 -25.26
CA PRO A 299 0.91 -1.42 -25.73
C PRO A 299 1.26 -0.10 -26.37
N HIS A 300 0.29 0.60 -26.97
CA HIS A 300 0.62 1.94 -27.47
C HIS A 300 1.03 2.92 -26.38
N VAL A 301 0.47 2.75 -25.15
CA VAL A 301 0.94 3.57 -24.03
C VAL A 301 2.38 3.20 -23.72
N ALA A 302 2.70 1.91 -23.68
CA ALA A 302 4.06 1.47 -23.35
C ALA A 302 5.04 1.99 -24.40
N GLU A 303 4.58 1.97 -25.65
CA GLU A 303 5.43 2.51 -26.77
C GLU A 303 5.71 4.04 -26.63
N ARG A 304 4.70 4.81 -26.23
CA ARG A 304 4.84 6.22 -26.08
C ARG A 304 5.69 6.53 -24.87
N VAL A 305 5.56 5.74 -23.76
CA VAL A 305 6.52 5.90 -22.67
C VAL A 305 7.97 5.67 -23.21
N TYR A 306 8.18 4.57 -23.87
CA TYR A 306 9.51 4.24 -24.40
C TYR A 306 10.06 5.39 -25.30
N ARG A 307 9.22 5.91 -26.18
CA ARG A 307 9.56 7.11 -26.94
C ARG A 307 10.11 8.21 -26.02
N GLU A 308 9.34 8.57 -24.99
CA GLU A 308 9.78 9.59 -24.04
C GLU A 308 11.06 9.26 -23.30
N ILE A 309 11.26 7.99 -22.88
CA ILE A 309 12.51 7.63 -22.29
C ILE A 309 13.65 7.84 -23.32
N GLU A 310 13.43 7.35 -24.56
CA GLU A 310 14.54 7.56 -25.57
C GLU A 310 14.90 9.05 -25.71
N GLN A 311 13.87 9.89 -25.81
CA GLN A 311 14.06 11.34 -26.00
C GLN A 311 14.63 12.11 -24.82
N VAL A 312 14.30 11.75 -23.57
CA VAL A 312 14.81 12.49 -22.42
C VAL A 312 16.08 11.86 -21.81
N ILE A 313 16.08 10.54 -21.70
CA ILE A 313 17.11 9.77 -21.02
C ILE A 313 18.10 9.12 -21.98
N GLY A 314 17.61 8.49 -23.06
CA GLY A 314 18.42 7.72 -23.95
C GLY A 314 18.50 6.29 -23.48
N PRO A 315 19.17 5.44 -24.25
CA PRO A 315 19.15 3.98 -24.06
C PRO A 315 20.04 3.45 -22.99
N HIS A 316 20.97 4.25 -22.50
CA HIS A 316 22.01 3.79 -21.60
C HIS A 316 22.05 4.44 -20.20
N ARG A 317 21.90 5.74 -20.11
CA ARG A 317 22.05 6.38 -18.85
C ARG A 317 20.90 5.95 -17.95
N PRO A 318 21.20 5.56 -16.73
CA PRO A 318 20.14 5.10 -15.83
C PRO A 318 19.21 6.21 -15.42
N PRO A 319 17.91 5.95 -15.43
CA PRO A 319 17.02 6.95 -14.98
C PRO A 319 17.33 7.44 -13.60
N GLU A 320 16.98 8.71 -13.37
CA GLU A 320 17.20 9.39 -12.06
C GLU A 320 15.94 10.21 -11.76
N LEU A 321 15.74 10.61 -10.50
CA LEU A 321 14.49 11.30 -10.15
C LEU A 321 14.43 12.67 -10.80
N HIS A 322 15.60 13.28 -10.99
CA HIS A 322 15.58 14.57 -11.74
C HIS A 322 14.98 14.45 -13.15
N ASP A 323 14.93 13.26 -13.73
CA ASP A 323 14.20 13.09 -14.98
C ASP A 323 12.68 13.30 -14.95
N ARG A 324 12.04 13.16 -13.79
CA ARG A 324 10.57 13.16 -13.73
C ARG A 324 10.01 14.43 -14.36
N ALA A 325 10.52 15.58 -13.98
CA ALA A 325 9.98 16.84 -14.50
C ALA A 325 9.97 16.96 -16.01
N LYS A 326 10.93 16.33 -16.63
CA LYS A 326 10.99 16.31 -18.06
C LYS A 326 10.16 15.19 -18.68
N MET A 327 9.45 14.39 -17.88
CA MET A 327 8.80 13.22 -18.48
C MET A 327 7.30 13.22 -18.05
N PRO A 328 6.52 14.23 -18.53
CA PRO A 328 5.14 14.36 -18.10
C PRO A 328 4.31 13.17 -18.56
N TYR A 329 4.64 12.54 -19.71
CA TYR A 329 3.78 11.45 -20.17
C TYR A 329 3.98 10.22 -19.28
N THR A 330 5.23 9.93 -19.01
CA THR A 330 5.56 8.78 -18.09
C THR A 330 4.96 9.06 -16.71
N GLU A 331 5.09 10.27 -16.16
CA GLU A 331 4.45 10.49 -14.88
C GLU A 331 2.94 10.38 -14.93
N ALA A 332 2.31 10.88 -15.98
CA ALA A 332 0.82 10.71 -16.15
C ALA A 332 0.47 9.23 -16.16
N VAL A 333 1.25 8.43 -16.94
CA VAL A 333 1.06 6.97 -16.94
C VAL A 333 1.11 6.35 -15.54
N ILE A 334 2.09 6.78 -14.74
CA ILE A 334 2.24 6.17 -13.38
C ILE A 334 1.11 6.66 -12.52
N TYR A 335 0.70 7.92 -12.68
CA TYR A 335 -0.47 8.42 -11.88
C TYR A 335 -1.68 7.63 -12.26
N GLU A 336 -1.86 7.41 -13.55
CA GLU A 336 -3.04 6.71 -14.00
C GLU A 336 -2.99 5.19 -13.60
N ILE A 337 -1.81 4.59 -13.58
CA ILE A 337 -1.72 3.18 -13.02
C ILE A 337 -2.25 3.21 -11.54
N GLN A 338 -1.77 4.15 -10.72
CA GLN A 338 -2.20 4.23 -9.34
C GLN A 338 -3.70 4.51 -9.18
N ARG A 339 -4.23 5.42 -9.98
CA ARG A 339 -5.64 5.75 -9.97
C ARG A 339 -6.49 4.57 -10.37
N PHE A 340 -6.13 3.95 -11.47
CA PHE A 340 -6.86 2.80 -11.94
C PHE A 340 -6.76 1.57 -11.03
N SER A 341 -5.55 1.29 -10.57
CA SER A 341 -5.30 0.12 -9.72
C SER A 341 -6.13 0.22 -8.46
N ASP A 342 -6.21 1.43 -7.90
CA ASP A 342 -6.99 1.66 -6.70
C ASP A 342 -6.64 0.59 -5.69
N LEU A 343 -5.43 0.66 -5.17
CA LEU A 343 -4.89 -0.39 -4.34
C LEU A 343 -5.66 -0.71 -3.04
N LEU A 344 -6.03 0.33 -2.33
CA LEU A 344 -6.75 0.24 -1.09
C LEU A 344 -8.04 1.05 -1.26
N PRO A 345 -9.05 0.43 -1.81
CA PRO A 345 -10.26 1.15 -2.17
C PRO A 345 -10.99 1.83 -1.00
N MET A 346 -10.88 1.24 0.16
CA MET A 346 -11.54 1.74 1.35
C MET A 346 -10.48 2.31 2.29
N GLY A 347 -9.33 2.54 1.72
CA GLY A 347 -8.19 3.04 2.49
C GLY A 347 -7.82 2.09 3.69
N VAL A 348 -7.46 2.65 4.87
CA VAL A 348 -7.21 1.77 6.04
C VAL A 348 -8.13 2.42 7.09
N PRO A 349 -8.83 1.60 7.89
CA PRO A 349 -9.90 2.17 8.82
C PRO A 349 -9.33 3.22 9.73
N HIS A 350 -10.14 4.25 10.01
CA HIS A 350 -9.77 5.25 11.04
C HIS A 350 -10.82 5.08 12.16
N ILE A 351 -10.59 5.80 13.28
CA ILE A 351 -11.61 5.92 14.28
C ILE A 351 -11.57 7.37 14.74
N VAL A 352 -12.72 7.87 15.20
CA VAL A 352 -12.66 9.26 15.63
C VAL A 352 -12.18 9.27 17.10
N THR A 353 -11.36 10.24 17.43
CA THR A 353 -10.69 10.29 18.72
C THR A 353 -11.44 11.10 19.80
N GLN A 354 -12.44 11.86 19.38
CA GLN A 354 -13.31 12.59 20.27
C GLN A 354 -14.67 12.77 19.61
N HIS A 355 -15.70 13.15 20.37
CA HIS A 355 -17.01 13.41 19.79
C HIS A 355 -16.84 14.46 18.72
N THR A 356 -17.40 14.20 17.55
CA THR A 356 -17.16 15.10 16.43
C THR A 356 -18.47 15.48 15.75
N SER A 357 -18.66 16.75 15.38
CA SER A 357 -19.75 17.07 14.43
C SER A 357 -19.26 17.03 13.01
N PHE A 358 -20.06 16.47 12.14
CA PHE A 358 -19.64 16.41 10.76
C PHE A 358 -20.87 16.58 9.90
N ARG A 359 -20.90 17.67 9.15
CA ARG A 359 -22.02 17.94 8.28
C ARG A 359 -23.40 17.81 8.96
N GLY A 360 -23.48 18.31 10.20
CA GLY A 360 -24.76 18.26 10.92
C GLY A 360 -25.03 16.95 11.64
N TYR A 361 -24.13 16.01 11.52
CA TYR A 361 -24.22 14.80 12.27
C TYR A 361 -23.24 14.80 13.40
N ILE A 362 -23.48 13.92 14.37
CA ILE A 362 -22.62 13.77 15.53
C ILE A 362 -22.02 12.37 15.57
N ILE A 363 -20.70 12.29 15.48
CA ILE A 363 -20.01 11.03 15.45
C ILE A 363 -19.34 10.85 16.80
N PRO A 364 -19.79 9.90 17.59
CA PRO A 364 -19.25 9.73 18.94
C PRO A 364 -17.84 9.23 18.90
N LYS A 365 -17.06 9.78 19.83
CA LYS A 365 -15.80 9.16 20.17
C LYS A 365 -15.70 7.61 20.11
N ASP A 366 -14.62 7.13 19.46
CA ASP A 366 -14.43 5.67 19.10
C ASP A 366 -15.20 5.07 17.90
N THR A 367 -15.96 5.86 17.15
CA THR A 367 -16.71 5.25 16.03
C THR A 367 -15.69 4.98 14.90
N GLU A 368 -15.72 3.84 14.26
CA GLU A 368 -14.88 3.59 13.12
C GLU A 368 -15.33 4.38 11.90
N VAL A 369 -14.40 4.80 11.08
CA VAL A 369 -14.69 5.54 9.88
C VAL A 369 -13.86 4.96 8.70
N PHE A 370 -14.51 4.62 7.59
CA PHE A 370 -13.85 4.30 6.35
C PHE A 370 -13.89 5.51 5.37
N LEU A 371 -12.73 5.93 4.92
CA LEU A 371 -12.59 6.88 3.88
C LEU A 371 -12.51 6.10 2.55
N ILE A 372 -13.57 6.22 1.74
CA ILE A 372 -13.58 5.38 0.57
C ILE A 372 -12.78 6.03 -0.55
N LEU A 373 -11.46 5.89 -0.45
CA LEU A 373 -10.57 6.50 -1.41
C LEU A 373 -10.97 6.21 -2.87
N SER A 374 -11.52 5.05 -3.10
CA SER A 374 -11.88 4.64 -4.47
C SER A 374 -12.84 5.70 -5.09
N THR A 375 -13.72 6.30 -4.24
CA THR A 375 -14.66 7.26 -4.82
C THR A 375 -14.04 8.57 -5.24
N ALA A 376 -12.89 8.93 -4.66
CA ALA A 376 -12.16 10.07 -5.14
C ALA A 376 -11.43 9.71 -6.46
N LEU A 377 -10.74 8.59 -6.44
CA LEU A 377 -9.96 8.15 -7.62
C LEU A 377 -10.87 7.92 -8.82
N HIS A 378 -12.16 7.66 -8.58
CA HIS A 378 -13.08 7.48 -9.71
C HIS A 378 -14.09 8.63 -9.88
N ASP A 379 -13.78 9.80 -9.35
CA ASP A 379 -14.78 10.92 -9.40
C ASP A 379 -14.91 11.44 -10.87
N PRO A 380 -16.13 11.37 -11.45
CA PRO A 380 -16.20 11.63 -12.89
C PRO A 380 -16.14 13.13 -13.15
N HIS A 381 -16.16 13.96 -12.10
CA HIS A 381 -15.93 15.40 -12.35
C HIS A 381 -14.45 15.71 -12.52
N TYR A 382 -13.61 14.85 -12.00
CA TYR A 382 -12.17 15.08 -12.16
C TYR A 382 -11.56 14.19 -13.24
N PHE A 383 -12.18 13.06 -13.54
CA PHE A 383 -11.66 12.09 -14.51
C PHE A 383 -12.79 11.68 -15.40
N GLU A 384 -12.74 12.14 -16.65
CA GLU A 384 -13.78 11.78 -17.63
C GLU A 384 -13.74 10.30 -17.92
N LYS A 385 -14.87 9.62 -17.91
CA LYS A 385 -14.78 8.16 -18.09
C LYS A 385 -13.78 7.42 -17.11
N PRO A 386 -14.06 7.53 -15.80
CA PRO A 386 -13.11 7.09 -14.78
C PRO A 386 -12.94 5.59 -14.68
N ASP A 387 -13.73 4.78 -15.41
CA ASP A 387 -13.56 3.34 -15.31
C ASP A 387 -12.56 2.79 -16.36
N ALA A 388 -12.12 3.66 -17.26
CA ALA A 388 -11.19 3.28 -18.36
C ALA A 388 -9.78 3.71 -17.95
N PHE A 389 -8.79 2.90 -18.35
CA PHE A 389 -7.40 3.32 -18.21
C PHE A 389 -7.02 4.33 -19.31
N ASN A 390 -6.65 5.53 -18.90
CA ASN A 390 -6.35 6.58 -19.87
C ASN A 390 -5.43 7.61 -19.23
N PRO A 391 -4.16 7.59 -19.62
CA PRO A 391 -3.17 8.51 -19.08
C PRO A 391 -3.49 9.99 -19.31
N ASP A 392 -4.29 10.25 -20.34
CA ASP A 392 -4.75 11.63 -20.54
C ASP A 392 -5.54 12.18 -19.37
N HIS A 393 -6.03 11.29 -18.46
CA HIS A 393 -6.57 11.76 -17.16
C HIS A 393 -5.68 12.71 -16.42
N PHE A 394 -4.37 12.63 -16.67
CA PHE A 394 -3.39 13.43 -15.98
C PHE A 394 -2.57 14.31 -16.93
N LEU A 395 -3.17 14.66 -18.08
CA LEU A 395 -2.45 15.53 -19.01
C LEU A 395 -3.39 16.67 -19.45
N ASP A 396 -2.83 17.86 -19.59
CA ASP A 396 -3.60 18.96 -20.20
C ASP A 396 -3.49 18.93 -21.76
N ALA A 397 -4.04 19.96 -22.46
CA ALA A 397 -4.22 19.88 -23.93
C ALA A 397 -2.87 19.93 -24.62
N ASN A 398 -1.92 20.58 -23.98
CA ASN A 398 -0.54 20.67 -24.44
C ASN A 398 0.40 19.51 -24.04
N GLY A 399 -0.16 18.43 -23.46
CA GLY A 399 0.65 17.31 -22.91
C GLY A 399 1.50 17.61 -21.67
N ALA A 400 1.13 18.62 -20.88
CA ALA A 400 1.88 18.91 -19.66
C ALA A 400 1.16 18.09 -18.54
N LEU A 401 1.87 17.75 -17.47
CA LEU A 401 1.27 16.98 -16.39
C LEU A 401 0.18 17.79 -15.72
N LYS A 402 -0.97 17.17 -15.46
CA LYS A 402 -2.09 17.89 -14.87
C LYS A 402 -2.40 17.10 -13.59
N LYS A 403 -1.89 17.59 -12.47
CA LYS A 403 -2.13 17.03 -11.14
C LYS A 403 -3.51 17.50 -10.67
N THR A 404 -4.09 16.71 -9.77
CA THR A 404 -5.44 16.98 -9.31
C THR A 404 -5.58 16.65 -7.80
N GLU A 405 -6.36 17.46 -7.07
CA GLU A 405 -6.65 17.14 -5.65
C GLU A 405 -7.50 15.84 -5.43
N ALA A 406 -8.08 15.25 -6.50
CA ALA A 406 -8.83 14.01 -6.33
C ALA A 406 -7.84 12.83 -6.24
N PHE A 407 -6.59 13.05 -6.61
CA PHE A 407 -5.65 11.97 -6.62
C PHE A 407 -5.08 11.72 -5.22
N ILE A 408 -5.79 10.90 -4.47
CA ILE A 408 -5.44 10.59 -3.06
C ILE A 408 -5.22 9.10 -2.68
N PRO A 409 -4.46 8.37 -3.49
CA PRO A 409 -4.25 6.96 -3.26
C PRO A 409 -3.45 6.64 -2.00
N PHE A 410 -2.75 7.63 -1.44
CA PHE A 410 -2.06 7.50 -0.15
C PHE A 410 -2.81 8.10 0.99
N SER A 411 -4.06 8.46 0.76
CA SER A 411 -4.90 9.16 1.77
C SER A 411 -4.39 10.60 2.04
N LEU A 412 -4.71 11.15 3.21
CA LEU A 412 -4.45 12.50 3.57
C LEU A 412 -4.40 12.62 5.09
N GLY A 413 -3.85 13.76 5.56
CA GLY A 413 -3.95 14.10 7.00
C GLY A 413 -2.80 13.43 7.81
N LYS A 414 -3.03 13.27 9.09
CA LYS A 414 -1.95 12.85 10.03
C LYS A 414 -1.45 11.44 9.78
N ARG A 415 -2.32 10.59 9.27
CA ARG A 415 -1.98 9.20 8.99
C ARG A 415 -1.52 8.98 7.55
N ILE A 416 -1.50 10.03 6.73
CA ILE A 416 -1.07 9.84 5.31
C ILE A 416 0.10 8.88 5.22
N CYS A 417 0.05 8.03 4.17
CA CYS A 417 1.09 7.02 3.96
C CYS A 417 2.48 7.63 4.22
N LEU A 418 3.21 7.00 5.12
CA LEU A 418 4.53 7.57 5.37
C LEU A 418 5.56 7.16 4.37
N GLY A 419 5.21 6.16 3.54
CA GLY A 419 6.14 5.77 2.46
C GLY A 419 5.87 6.45 1.13
N GLU A 420 5.04 7.48 1.09
CA GLU A 420 4.61 8.09 -0.17
C GLU A 420 5.83 8.43 -1.05
N GLY A 421 6.82 9.14 -0.49
CA GLY A 421 8.00 9.59 -1.26
C GLY A 421 8.77 8.40 -1.80
N ILE A 422 8.96 7.39 -0.94
CA ILE A 422 9.69 6.24 -1.36
C ILE A 422 8.91 5.49 -2.43
N ALA A 423 7.59 5.37 -2.22
CA ALA A 423 6.81 4.62 -3.24
C ALA A 423 6.82 5.27 -4.60
N ARG A 424 6.68 6.60 -4.58
CA ARG A 424 6.65 7.28 -5.86
C ARG A 424 7.99 7.22 -6.58
N ALA A 425 9.06 7.24 -5.82
CA ALA A 425 10.42 7.07 -6.38
C ALA A 425 10.63 5.67 -6.91
N GLU A 426 10.12 4.68 -6.18
CA GLU A 426 10.16 3.30 -6.62
C GLU A 426 9.38 3.07 -7.92
N LEU A 427 8.17 3.62 -8.00
CA LEU A 427 7.28 3.42 -9.21
C LEU A 427 8.04 4.06 -10.42
N PHE A 428 8.54 5.26 -10.21
CA PHE A 428 9.12 5.96 -11.35
C PHE A 428 10.42 5.31 -11.78
N LEU A 429 11.36 5.04 -10.84
CA LEU A 429 12.70 4.48 -11.25
C LEU A 429 12.50 3.05 -11.75
N PHE A 430 11.67 2.25 -11.10
CA PHE A 430 11.61 0.85 -11.58
C PHE A 430 10.86 0.78 -12.94
N PHE A 431 9.76 1.55 -13.11
CA PHE A 431 8.99 1.48 -14.36
C PHE A 431 9.91 1.92 -15.52
N THR A 432 10.56 3.04 -15.31
CA THR A 432 11.38 3.62 -16.42
C THR A 432 12.60 2.79 -16.67
N THR A 433 13.19 2.21 -15.63
CA THR A 433 14.42 1.47 -15.93
C THR A 433 14.11 0.14 -16.61
N ILE A 434 12.98 -0.46 -16.24
CA ILE A 434 12.58 -1.70 -16.99
C ILE A 434 12.27 -1.33 -18.44
N LEU A 435 11.43 -0.32 -18.67
CA LEU A 435 10.95 -0.04 -20.10
C LEU A 435 12.14 0.49 -20.92
N GLN A 436 13.08 1.19 -20.26
CA GLN A 436 14.31 1.58 -21.05
C GLN A 436 15.02 0.39 -21.66
N ASN A 437 15.04 -0.78 -20.92
CA ASN A 437 15.82 -1.88 -21.36
C ASN A 437 15.07 -2.98 -22.03
N PHE A 438 13.73 -3.03 -21.83
CA PHE A 438 12.90 -4.15 -22.29
C PHE A 438 11.58 -3.65 -22.85
N SER A 439 11.06 -4.34 -23.85
CA SER A 439 9.68 -4.28 -24.23
C SER A 439 8.98 -5.54 -23.68
N MET A 440 7.66 -5.60 -23.78
CA MET A 440 6.91 -6.66 -23.07
C MET A 440 6.10 -7.45 -24.06
N ALA A 441 5.92 -8.73 -23.79
CA ALA A 441 4.99 -9.51 -24.63
C ALA A 441 4.36 -10.57 -23.80
N SER A 442 3.28 -11.17 -24.34
CA SER A 442 2.69 -12.26 -23.59
C SER A 442 1.83 -13.03 -24.61
N PRO A 443 1.40 -14.24 -24.23
CA PRO A 443 0.53 -15.11 -25.02
C PRO A 443 -0.90 -14.60 -25.23
N VAL A 444 -1.32 -13.61 -24.47
CA VAL A 444 -2.71 -13.15 -24.55
C VAL A 444 -2.74 -11.87 -25.33
N ALA A 445 -3.57 -11.81 -26.36
CA ALA A 445 -3.73 -10.61 -27.13
C ALA A 445 -4.31 -9.43 -26.26
N PRO A 446 -3.88 -8.21 -26.52
CA PRO A 446 -4.41 -7.07 -25.72
C PRO A 446 -5.93 -7.09 -25.54
N GLU A 447 -6.67 -7.38 -26.60
CA GLU A 447 -8.13 -7.34 -26.51
C GLU A 447 -8.68 -8.32 -25.53
N ASP A 448 -7.97 -9.41 -25.33
CA ASP A 448 -8.39 -10.48 -24.48
C ASP A 448 -7.94 -10.40 -22.99
N ILE A 449 -7.04 -9.46 -22.68
CA ILE A 449 -6.54 -9.31 -21.33
C ILE A 449 -7.68 -8.81 -20.41
N ASP A 450 -7.90 -9.52 -19.32
CA ASP A 450 -8.98 -9.21 -18.40
C ASP A 450 -8.44 -8.58 -17.13
N LEU A 451 -8.72 -7.30 -16.95
CA LEU A 451 -8.22 -6.55 -15.78
C LEU A 451 -8.97 -6.75 -14.47
N THR A 452 -9.98 -7.60 -14.48
CA THR A 452 -10.81 -7.80 -13.28
C THR A 452 -9.94 -8.35 -12.18
N PRO A 453 -9.99 -7.69 -10.99
CA PRO A 453 -9.11 -8.13 -9.93
C PRO A 453 -9.41 -9.53 -9.48
N GLN A 454 -8.35 -10.20 -9.07
CA GLN A 454 -8.49 -11.54 -8.44
C GLN A 454 -9.13 -11.45 -7.02
N GLU A 455 -8.83 -10.38 -6.27
CA GLU A 455 -9.51 -10.18 -5.00
C GLU A 455 -9.80 -8.71 -4.96
N CYS A 456 -10.86 -8.33 -4.24
CA CYS A 456 -11.12 -6.94 -4.10
C CYS A 456 -11.72 -6.80 -2.67
N GLY A 457 -10.92 -6.42 -1.70
CA GLY A 457 -11.37 -6.22 -0.28
C GLY A 457 -10.62 -5.04 0.22
N VAL A 458 -9.96 -5.20 1.36
CA VAL A 458 -9.00 -4.21 1.82
C VAL A 458 -8.06 -3.84 0.68
N GLY A 459 -7.53 -4.86 -0.01
CA GLY A 459 -6.68 -4.66 -1.19
C GLY A 459 -7.42 -5.04 -2.46
N LYS A 460 -7.12 -4.31 -3.54
CA LYS A 460 -7.52 -4.71 -4.88
C LYS A 460 -6.26 -5.38 -5.51
N ILE A 461 -6.42 -6.68 -5.90
CA ILE A 461 -5.25 -7.46 -6.29
C ILE A 461 -5.51 -7.94 -7.68
N PRO A 462 -4.51 -7.70 -8.56
CA PRO A 462 -4.73 -8.13 -9.95
C PRO A 462 -4.63 -9.63 -10.13
N PRO A 463 -5.21 -10.12 -11.22
CA PRO A 463 -5.09 -11.55 -11.57
C PRO A 463 -3.62 -11.88 -11.91
N THR A 464 -3.24 -13.12 -11.59
CA THR A 464 -1.94 -13.62 -12.04
C THR A 464 -1.90 -13.51 -13.58
N TYR A 465 -0.69 -13.37 -14.12
CA TYR A 465 -0.51 -13.38 -15.52
C TYR A 465 0.94 -13.69 -15.84
N GLN A 466 1.17 -14.07 -17.10
CA GLN A 466 2.53 -14.30 -17.59
C GLN A 466 2.98 -13.20 -18.50
N ILE A 467 4.26 -12.88 -18.47
CA ILE A 467 4.80 -11.79 -19.26
C ILE A 467 6.25 -12.22 -19.61
N ARG A 468 6.72 -11.79 -20.79
CA ARG A 468 8.19 -11.87 -21.15
C ARG A 468 8.77 -10.48 -21.22
N PHE A 469 10.01 -10.29 -20.75
CA PHE A 469 10.67 -9.03 -21.01
C PHE A 469 11.74 -9.28 -22.10
N LEU A 470 11.55 -8.62 -23.21
CA LEU A 470 12.43 -8.86 -24.40
C LEU A 470 13.43 -7.70 -24.48
N PRO A 471 14.71 -8.02 -24.56
CA PRO A 471 15.73 -6.96 -24.49
C PRO A 471 15.62 -6.08 -25.72
N ARG A 472 15.90 -4.81 -25.58
CA ARG A 472 15.69 -3.95 -26.69
C ARG A 472 16.85 -4.00 -27.64
N HIS A 473 16.57 -3.69 -28.89
CA HIS A 473 17.51 -3.58 -29.99
C HIS A 473 17.71 -4.90 -30.71
CHA HEM B . -0.53 3.83 5.34
CHB HEM B . -1.14 3.67 0.50
CHC HEM B . 3.52 2.40 -0.19
CHD HEM B . 4.23 2.56 4.61
C1A HEM B . -1.08 3.89 4.07
C2A HEM B . -2.45 4.24 3.76
C3A HEM B . -2.64 4.21 2.43
C4A HEM B . -1.35 3.88 1.83
CMA HEM B . -3.94 4.54 1.65
CAA HEM B . -3.52 4.51 4.86
CBA HEM B . -3.37 5.97 5.34
CGA HEM B . -4.59 6.23 6.27
O1A HEM B . -4.59 5.65 7.31
O2A HEM B . -5.52 7.01 5.98
C1B HEM B . 0.09 3.28 -0.06
C2B HEM B . 0.26 3.04 -1.49
C3B HEM B . 1.54 2.69 -1.68
C4B HEM B . 2.16 2.66 -0.37
CMB HEM B . -0.87 3.28 -2.49
CAB HEM B . 2.34 2.29 -2.93
CBB HEM B . 1.86 2.43 -4.15
C1C HEM B . 4.17 2.39 1.02
C2C HEM B . 5.55 2.26 1.29
C3C HEM B . 5.75 2.28 2.65
C4C HEM B . 4.46 2.47 3.27
CMC HEM B . 6.60 2.04 0.18
CAC HEM B . 7.05 2.08 3.46
CBC HEM B . 8.11 2.65 2.93
C1D HEM B . 3.02 2.90 5.22
C2D HEM B . 2.90 3.08 6.68
C3D HEM B . 1.48 3.45 6.92
C4D HEM B . 0.81 3.49 5.59
CMD HEM B . 4.01 2.83 7.76
CAD HEM B . 0.78 3.77 8.22
CBD HEM B . 0.87 5.29 8.44
CGD HEM B . 0.21 5.51 9.82
O1D HEM B . 0.68 6.49 10.46
O2D HEM B . -0.76 4.85 10.29
NA HEM B . -0.46 3.66 2.84
NB HEM B . 1.22 2.91 0.59
NC HEM B . 3.53 2.64 2.25
ND HEM B . 1.78 3.20 4.66
FE HEM B . 1.59 3.34 2.56
C7 CM5 C . -24.12 -15.75 9.54
C8 CM5 C . -23.38 -15.73 8.18
C9 CM5 C . -22.14 -16.62 8.20
C10 CM5 C . -21.24 -16.13 9.34
C11 CM5 C . -21.91 -16.00 10.72
C6 CM5 C . -23.22 -15.19 10.68
C5 CM5 C . -23.98 -15.29 12.01
C4 CM5 C . -23.23 -14.63 13.19
C3 CM5 C . -24.18 -14.07 14.24
C2 CM5 C . -23.59 -14.27 15.64
C1 CM5 C . -22.69 -13.10 16.02
O12 CM5 C . -22.21 -13.12 17.39
C7 CM5 D . 11.92 -11.49 6.24
C8 CM5 D . 11.38 -10.21 7.03
C9 CM5 D . 10.68 -9.22 6.02
C10 CM5 D . 11.55 -8.84 4.80
C11 CM5 D . 12.20 -10.08 4.12
C6 CM5 D . 12.94 -10.97 5.18
C5 CM5 D . 13.47 -12.17 4.44
C4 CM5 D . 14.26 -13.13 5.38
C3 CM5 D . 15.04 -14.12 4.51
C2 CM5 D . 15.70 -15.20 5.41
C1 CM5 D . 14.73 -16.12 6.18
O12 CM5 D . 15.71 -17.11 6.80
C13 CM5 D . 15.14 -17.93 7.81
C18 CM5 D . 15.74 -19.39 8.06
O22 CM5 D . 16.06 -19.92 6.74
C17 CM5 D . 14.78 -20.36 8.83
O21 CM5 D . 16.01 -21.02 9.28
O14 CM5 D . 14.40 -17.39 8.90
C15 CM5 D . 13.59 -18.22 9.80
C19 CM5 D . 13.39 -17.49 11.18
O20 CM5 D . 14.63 -16.90 11.65
C16 CM5 D . 14.21 -19.67 10.19
O23 CM5 D . 13.76 -20.32 11.03
C24 CM5 D . 14.05 -21.13 12.15
O25 CM5 D . 13.73 -20.24 13.26
C26 CM5 D . 12.29 -20.06 13.66
C30 CM5 D . 12.28 -19.20 14.96
O31 CM5 D . 13.27 -18.18 14.65
C27 CM5 D . 11.66 -21.30 13.61
O32 CM5 D . 10.35 -21.16 14.21
C28 CM5 D . 11.53 -22.01 12.25
O33 CM5 D . 11.27 -23.32 12.76
C29 CM5 D . 13.02 -22.24 11.80
O34 CM5 D . 13.16 -22.67 10.73
C7 CM5 E . -21.23 -9.25 2.03
C8 CM5 E . -19.84 -8.92 2.65
C9 CM5 E . -18.70 -9.69 1.94
C10 CM5 E . -19.26 -10.61 0.85
C11 CM5 E . -20.35 -11.52 1.42
C6 CM5 E . -21.54 -10.75 2.03
C5 CM5 E . -22.82 -11.05 1.20
C4 CM5 E . -24.04 -11.68 1.92
C3 CM5 E . -25.32 -10.85 1.71
C2 CM5 E . -26.15 -11.30 0.49
C1 CM5 E . -27.65 -11.34 0.86
O12 CM5 E . -28.52 -10.89 -0.20
C4 85D F . 0.20 -2.84 4.73
C4 85D F . -2.61 -3.70 3.96
C4 85D F . -3.58 -2.88 4.73
C5 85D F . -0.55 -1.77 3.93
C5 85D F . -3.43 -3.81 5.25
C5 85D F . -2.50 -3.95 4.56
C6 85D F . -1.88 -2.34 3.48
C6 85D F . -2.77 -4.84 6.15
C6 85D F . -1.35 -3.35 3.78
C7 85D F . -1.36 -0.92 4.89
C7 85D F . -2.91 -2.77 6.24
C7 85D F . -1.58 -3.89 5.76
C8 85D F . -1.83 -3.85 3.20
C8 85D F . -2.11 -5.98 5.38
C8 85D F . -1.78 -2.32 2.74
C9 85D F . -2.54 -1.51 2.38
C9 85D F . -3.70 -5.29 7.30
C9 85D F . -0.38 -4.42 3.24
C10 85D F . -2.87 -3.59 6.63
C10 85D F . 0.52 -3.58 5.91
C10 85D F . -1.03 -0.41 5.70
C3 85D F . -0.67 -3.43 5.66
C3 85D F . -1.25 -3.62 4.26
C3 85D F . -3.01 -1.67 5.12
BR1 85D F . -2.52 -5.49 6.77
BR1 85D F . 0.73 -3.79 7.83
BR1 85D F . -0.37 0.54 4.13
C2 85D F . -2.00 -3.02 5.72
C2 85D F . -0.84 -3.66 5.59
C2 85D F . -1.63 -1.59 5.30
C1 85D F . -2.41 -2.01 4.87
C1 85D F . -1.80 -3.76 6.58
C1 85D F . -0.87 -2.74 5.08
#